data_1AY3
#
_entry.id   1AY3
#
_cell.length_a   1.000
_cell.length_b   1.000
_cell.length_c   1.000
_cell.angle_alpha   90.00
_cell.angle_beta   90.00
_cell.angle_gamma   90.00
#
_symmetry.space_group_name_H-M   'P 1'
#
_entity_poly.entity_id   1
_entity_poly.type   'polypeptide(L)'
_entity_poly.pdbx_seq_one_letter_code
;(ACB)R(MFD)(FGA)(MDH)
;
_entity_poly.pdbx_strand_id   A
#
# COMPACT_ATOMS: atom_id res chain seq x y z
N ARG A 2 0.06 0.15 1.34
CA ARG A 2 -0.20 -0.37 -0.01
C ARG A 2 1.12 -1.09 -0.40
N ARG A 2 0.33 0.23 1.41
CA ARG A 2 0.08 0.07 -0.03
C ARG A 2 1.26 -0.79 -0.54
N ARG A 2 0.27 0.22 1.41
CA ARG A 2 0.01 0.00 -0.01
C ARG A 2 1.22 -0.84 -0.50
N ARG A 2 0.33 0.24 1.44
CA ARG A 2 0.06 0.12 0.00
C ARG A 2 1.21 -0.78 -0.53
N ARG A 2 0.24 0.20 1.47
CA ARG A 2 -0.01 0.03 0.04
C ARG A 2 1.17 -0.84 -0.44
N ARG A 2 0.31 0.21 1.45
CA ARG A 2 0.03 0.07 0.01
C ARG A 2 1.20 -0.79 -0.51
N ARG A 2 0.27 0.20 1.41
CA ARG A 2 0.00 -0.01 -0.01
C ARG A 2 1.21 -0.84 -0.51
N ARG A 2 0.33 0.25 1.41
CA ARG A 2 0.08 0.10 -0.03
C ARG A 2 1.25 -0.77 -0.54
N ARG A 2 0.22 0.24 1.42
CA ARG A 2 -0.02 -0.02 0.00
C ARG A 2 1.20 -0.86 -0.46
N ARG A 2 0.25 0.20 1.43
CA ARG A 2 -0.01 -0.02 0.01
C ARG A 2 1.20 -0.85 -0.49
N ARG A 2 0.26 0.20 1.42
CA ARG A 2 0.00 -0.01 0.00
C ARG A 2 1.21 -0.85 -0.50
N ARG A 2 0.30 0.23 1.45
CA ARG A 2 0.07 0.10 0.01
C ARG A 2 1.23 -0.81 -0.48
N ARG A 2 0.27 0.21 1.47
CA ARG A 2 0.01 0.06 0.04
C ARG A 2 1.19 -0.81 -0.46
N ARG A 2 0.22 0.21 1.44
CA ARG A 2 -0.07 -0.03 0.03
C ARG A 2 1.16 -0.86 -0.45
N ARG A 2 0.19 0.22 1.44
CA ARG A 2 -0.07 -0.05 0.02
C ARG A 2 1.17 -0.88 -0.43
N ARG A 2 0.28 0.22 1.41
CA ARG A 2 0.02 0.01 -0.02
C ARG A 2 1.23 -0.83 -0.50
N ARG A 2 0.29 0.26 1.39
CA ARG A 2 0.06 0.07 -0.04
C ARG A 2 1.27 -0.80 -0.51
N ARG A 2 0.34 0.25 1.47
CA ARG A 2 0.10 0.16 0.03
C ARG A 2 1.23 -0.76 -0.48
N ARG A 2 0.29 0.29 1.38
CA ARG A 2 0.07 0.10 -0.05
C ARG A 2 1.28 -0.79 -0.49
N ARG A 2 0.16 0.20 1.39
CA ARG A 2 -0.08 -0.16 0.00
C ARG A 2 1.19 -0.95 -0.41
N ARG A 2 0.28 0.22 1.41
CA ARG A 2 0.02 0.01 -0.01
C ARG A 2 1.22 -0.84 -0.51
N ARG A 2 0.26 0.22 1.42
CA ARG A 2 -0.01 0.00 0.00
C ARG A 2 1.20 -0.85 -0.49
N ARG A 2 0.23 0.19 1.47
CA ARG A 2 -0.03 0.02 0.04
C ARG A 2 1.16 -0.84 -0.45
N ARG A 2 0.10 0.16 1.38
CA ARG A 2 -0.14 -0.26 0.00
C ARG A 2 1.16 -1.01 -0.39
N ARG A 2 0.27 0.22 1.42
CA ARG A 2 0.00 0.00 -0.01
C ARG A 2 1.21 -0.84 -0.50
N ARG A 2 0.28 0.22 1.41
CA ARG A 2 0.02 0.01 -0.01
C ARG A 2 1.22 -0.83 -0.51
N ARG A 2 0.23 0.24 1.41
CA ARG A 2 -0.02 0.00 0.00
C ARG A 2 1.20 -0.85 -0.46
#